data_4Z3E
#
_entry.id   4Z3E
#
_cell.length_a   48.210
_cell.length_b   52.220
_cell.length_c   76.320
_cell.angle_alpha   90.00
_cell.angle_beta   90.00
_cell.angle_gamma   90.00
#
_symmetry.space_group_name_H-M   'P 21 21 21'
#
loop_
_entity.id
_entity.type
_entity.pdbx_description
1 polymer 'PapG, lectin domain'
2 branched beta-D-galactopyranose-(1-3)-2-acetamido-2-deoxy-beta-D-galactopyranose-(1-3)-alpha-D-galactopyranose-(1-4)-beta-D-galactopyranose-(1-4)-beta-D-glucopyranose
3 water water
#
_entity_poly.entity_id   1
_entity_poly.type   'polypeptide(L)'
_entity_poly.pdbx_seq_one_letter_code
;MAWNNIVFYSLGDVNSYQGGNVVITQRPQFITSWRPGIATVTWNQCNGPEFADGSWAYYREYIAWVVFPKKVMTKNGYPL
FIEVHNKGSWSEENTGDNDSYFFLKGYKWDQRAFDTANLCQKPGETTRLTEKFDDIIFKVALPADLPLGDYSVTIPYTSG
IQRHFASYLGARFKIPYNVAKTLPRENEMLFLFKNIGG
;
_entity_poly.pdbx_strand_id   A
#
# COMPACT_ATOMS: atom_id res chain seq x y z
N MET A 1 -17.30 -15.17 24.36
CA MET A 1 -17.69 -13.91 23.60
C MET A 1 -16.68 -13.51 22.55
N ALA A 2 -17.17 -13.02 21.40
CA ALA A 2 -16.43 -12.82 20.13
C ALA A 2 -15.62 -11.58 20.16
N TRP A 3 -14.45 -11.58 19.50
CA TRP A 3 -13.59 -10.36 19.43
C TRP A 3 -12.79 -10.41 18.18
N ASN A 4 -12.38 -9.22 17.79
CA ASN A 4 -11.65 -8.98 16.54
C ASN A 4 -10.72 -7.85 16.81
N ASN A 5 -9.42 -8.07 16.50
CA ASN A 5 -8.41 -7.10 16.56
C ASN A 5 -7.85 -6.89 15.20
N ILE A 6 -7.77 -5.67 14.73
CA ILE A 6 -7.19 -5.37 13.40
C ILE A 6 -6.16 -4.26 13.54
N VAL A 7 -4.97 -4.48 12.93
CA VAL A 7 -3.85 -3.62 13.20
C VAL A 7 -3.28 -3.37 11.82
N PHE A 8 -2.97 -2.12 11.47
CA PHE A 8 -2.33 -1.84 10.16
C PHE A 8 -0.88 -1.48 10.38
N TYR A 9 0.01 -2.28 9.79
CA TYR A 9 1.44 -2.08 9.82
C TYR A 9 1.87 -1.45 8.49
N SER A 10 2.32 -0.20 8.60
CA SER A 10 2.75 0.65 7.50
C SER A 10 4.25 0.62 7.22
N LEU A 11 4.59 0.42 5.95
CA LEU A 11 5.97 0.38 5.50
C LEU A 11 6.37 1.73 4.96
N GLY A 12 7.57 2.19 5.32
CA GLY A 12 8.05 3.46 4.83
C GLY A 12 9.31 3.12 4.06
N ASP A 13 9.24 3.25 2.74
CA ASP A 13 10.37 2.95 1.90
C ASP A 13 10.59 4.07 0.93
N VAL A 14 11.84 4.30 0.58
CA VAL A 14 12.19 5.33 -0.38
C VAL A 14 12.90 4.66 -1.55
N ASN A 15 12.38 4.88 -2.75
CA ASN A 15 12.93 4.28 -3.95
C ASN A 15 12.84 5.26 -5.11
N SER A 16 13.60 4.99 -6.17
CA SER A 16 13.62 5.86 -7.37
C SER A 16 13.59 4.94 -8.54
N TYR A 17 13.13 5.42 -9.70
CA TYR A 17 13.06 4.58 -10.87
C TYR A 17 13.38 5.51 -12.06
N GLN A 18 14.26 5.09 -12.95
CA GLN A 18 14.57 5.86 -14.18
C GLN A 18 13.68 5.46 -15.37
N GLY A 19 12.78 6.37 -15.71
CA GLY A 19 11.80 6.17 -16.74
C GLY A 19 12.36 6.60 -18.11
N GLY A 20 13.67 6.95 -18.14
CA GLY A 20 14.48 7.09 -19.37
C GLY A 20 14.00 8.25 -20.23
N ASN A 21 14.60 8.45 -21.41
CA ASN A 21 14.21 9.62 -22.27
C ASN A 21 12.84 9.37 -22.90
N VAL A 22 11.91 10.31 -22.83
CA VAL A 22 10.59 10.10 -23.44
C VAL A 22 10.23 11.32 -24.23
N VAL A 23 9.60 11.16 -25.40
CA VAL A 23 8.75 12.23 -26.03
C VAL A 23 7.38 12.20 -25.39
N ILE A 24 6.60 13.23 -25.69
CA ILE A 24 5.43 13.54 -24.83
C ILE A 24 4.16 12.80 -25.16
N THR A 25 4.23 12.06 -26.26
CA THR A 25 3.23 11.09 -26.61
C THR A 25 3.48 9.66 -26.08
N GLN A 26 4.61 9.43 -25.33
CA GLN A 26 4.96 8.13 -24.75
C GLN A 26 4.57 8.20 -23.28
N ARG A 27 4.31 7.03 -22.71
CA ARG A 27 3.91 6.94 -21.36
C ARG A 27 5.05 6.23 -20.62
N PRO A 28 5.92 6.99 -19.93
CA PRO A 28 6.97 6.35 -19.24
C PRO A 28 6.41 5.53 -18.07
N GLN A 29 7.08 4.45 -17.71
CA GLN A 29 6.63 3.59 -16.63
C GLN A 29 7.56 3.70 -15.47
N PHE A 30 7.02 3.25 -14.32
CA PHE A 30 7.89 3.00 -13.22
C PHE A 30 7.37 1.81 -12.44
N ILE A 31 8.24 1.16 -11.67
CA ILE A 31 7.89 -0.04 -11.00
C ILE A 31 8.02 0.20 -9.52
N THR A 32 6.94 -0.03 -8.79
CA THR A 32 6.99 0.04 -7.34
C THR A 32 7.19 -1.42 -6.86
N SER A 33 8.11 -1.61 -5.91
N SER A 33 8.16 -1.62 -5.97
N SER A 33 8.12 -1.61 -5.94
CA SER A 33 8.44 -2.95 -5.41
CA SER A 33 8.47 -2.96 -5.43
CA SER A 33 8.46 -2.94 -5.41
C SER A 33 8.20 -2.99 -3.91
C SER A 33 8.10 -2.97 -3.95
C SER A 33 8.11 -2.97 -3.93
N TRP A 34 7.79 -4.18 -3.48
CA TRP A 34 7.53 -4.43 -2.03
C TRP A 34 8.74 -5.01 -1.36
N ARG A 35 9.27 -4.24 -0.42
CA ARG A 35 10.52 -4.49 0.16
C ARG A 35 10.17 -4.87 1.59
N PRO A 36 10.33 -6.14 1.92
CA PRO A 36 10.21 -6.45 3.39
C PRO A 36 11.10 -5.57 4.27
N GLY A 37 10.68 -5.33 5.52
CA GLY A 37 11.22 -4.19 6.29
C GLY A 37 10.49 -3.99 7.63
N ILE A 38 10.77 -2.85 8.23
CA ILE A 38 10.23 -2.46 9.53
C ILE A 38 9.04 -1.60 9.24
N ALA A 39 7.88 -2.02 9.76
CA ALA A 39 6.64 -1.25 9.66
C ALA A 39 6.22 -0.69 11.00
N THR A 40 5.43 0.37 10.92
CA THR A 40 4.88 1.08 12.07
C THR A 40 3.35 1.00 12.07
N VAL A 41 2.76 0.73 13.24
CA VAL A 41 1.32 0.73 13.39
C VAL A 41 0.85 2.14 13.19
N THR A 42 -0.01 2.30 12.18
CA THR A 42 -0.67 3.58 11.99
C THR A 42 -2.12 3.60 12.24
N TRP A 43 -2.71 2.41 12.48
CA TRP A 43 -4.16 2.35 12.81
C TRP A 43 -4.40 0.98 13.47
N ASN A 44 -5.44 0.95 14.36
CA ASN A 44 -5.92 -0.27 14.89
C ASN A 44 -7.37 -0.11 15.30
N GLN A 45 -7.98 -1.22 15.53
CA GLN A 45 -9.33 -1.38 16.03
C GLN A 45 -9.40 -2.68 16.79
N CYS A 46 -9.58 -2.66 18.11
CA CYS A 46 -9.45 -3.86 18.88
C CYS A 46 -10.42 -3.90 20.00
N ASN A 47 -10.98 -5.08 20.16
CA ASN A 47 -11.84 -5.28 21.32
C ASN A 47 -11.55 -6.60 21.96
N GLY A 48 -10.39 -7.26 21.67
CA GLY A 48 -10.03 -8.55 22.25
C GLY A 48 -8.76 -8.51 23.08
N PRO A 49 -8.31 -9.65 23.54
CA PRO A 49 -7.04 -9.71 24.29
C PRO A 49 -5.92 -9.06 23.56
N GLU A 50 -5.05 -8.37 24.28
CA GLU A 50 -3.91 -7.71 23.63
C GLU A 50 -2.70 -8.68 23.53
N PHE A 51 -2.71 -9.79 24.26
CA PHE A 51 -1.59 -10.68 24.29
C PHE A 51 -2.01 -12.18 24.34
N ALA A 52 -1.55 -12.94 23.33
CA ALA A 52 -1.77 -14.40 23.23
C ALA A 52 -0.60 -15.01 23.88
N ASP A 53 -0.82 -15.79 24.94
CA ASP A 53 0.27 -16.39 25.74
C ASP A 53 0.74 -17.73 25.20
N GLY A 54 -0.10 -18.40 24.41
CA GLY A 54 0.26 -19.70 23.81
C GLY A 54 -0.73 -20.76 24.18
N SER A 55 -1.64 -20.45 25.05
CA SER A 55 -2.43 -21.45 25.55
C SER A 55 -3.68 -21.61 24.82
N TRP A 56 -4.05 -20.64 23.96
CA TRP A 56 -5.38 -20.66 23.33
C TRP A 56 -5.28 -20.20 21.82
N ALA A 57 -6.20 -20.75 21.01
CA ALA A 57 -6.38 -20.49 19.62
C ALA A 57 -6.91 -19.14 19.28
N TYR A 58 -6.38 -18.57 18.24
CA TYR A 58 -6.97 -17.39 17.54
C TYR A 58 -6.82 -17.64 16.02
N TYR A 59 -7.43 -16.80 15.19
CA TYR A 59 -7.47 -17.02 13.77
C TYR A 59 -6.95 -15.76 13.10
N ARG A 60 -6.13 -15.97 12.10
CA ARG A 60 -5.51 -14.86 11.30
C ARG A 60 -6.21 -14.61 9.95
N GLU A 61 -6.41 -13.34 9.61
CA GLU A 61 -6.70 -12.91 8.27
C GLU A 61 -5.76 -11.77 7.93
N TYR A 62 -4.80 -11.98 7.05
CA TYR A 62 -3.88 -10.96 6.65
C TYR A 62 -4.18 -10.39 5.22
N ILE A 63 -4.16 -9.03 5.03
CA ILE A 63 -4.39 -8.45 3.71
C ILE A 63 -3.42 -7.32 3.51
N ALA A 64 -2.57 -7.42 2.47
CA ALA A 64 -1.66 -6.36 2.16
C ALA A 64 -2.44 -5.29 1.37
N TRP A 65 -2.00 -4.04 1.51
CA TRP A 65 -2.57 -2.86 0.87
C TRP A 65 -1.50 -2.01 0.22
N VAL A 66 -1.88 -1.33 -0.87
CA VAL A 66 -1.19 -0.24 -1.48
C VAL A 66 -2.26 0.81 -1.77
N VAL A 67 -2.05 2.07 -1.39
CA VAL A 67 -2.97 3.16 -1.75
C VAL A 67 -2.09 4.18 -2.40
N PHE A 68 -2.46 4.49 -3.67
CA PHE A 68 -1.55 5.13 -4.58
C PHE A 68 -2.33 6.27 -5.28
N PRO A 69 -1.70 7.44 -5.45
CA PRO A 69 -2.56 8.48 -6.04
C PRO A 69 -2.79 8.25 -7.51
N LYS A 70 -3.92 8.71 -8.01
CA LYS A 70 -4.18 8.64 -9.45
C LYS A 70 -3.58 9.81 -10.25
N LYS A 71 -3.23 10.91 -9.57
CA LYS A 71 -2.70 12.01 -10.30
C LYS A 71 -1.68 12.67 -9.37
N VAL A 72 -0.61 13.18 -9.95
N VAL A 72 -0.57 13.13 -9.89
CA VAL A 72 0.44 13.83 -9.21
CA VAL A 72 0.27 13.94 -9.07
C VAL A 72 0.64 15.23 -9.84
C VAL A 72 0.47 15.24 -9.82
N MET A 73 0.42 16.31 -9.06
CA MET A 73 0.52 17.71 -9.53
C MET A 73 1.97 18.16 -9.42
N THR A 74 2.48 18.90 -10.38
CA THR A 74 3.82 19.53 -10.20
C THR A 74 3.68 20.82 -9.38
N LYS A 75 4.79 21.34 -8.88
CA LYS A 75 4.73 22.57 -8.04
C LYS A 75 4.09 23.81 -8.77
N ASN A 76 4.21 23.87 -10.10
CA ASN A 76 3.59 24.91 -11.01
C ASN A 76 2.07 24.73 -11.38
N GLY A 77 1.55 23.52 -11.15
CA GLY A 77 0.11 23.28 -11.21
C GLY A 77 -0.33 22.45 -12.38
N TYR A 78 0.59 21.64 -12.90
CA TYR A 78 0.35 20.71 -13.99
C TYR A 78 0.14 19.31 -13.47
N PRO A 79 -0.84 18.57 -14.12
CA PRO A 79 -1.04 17.23 -13.58
C PRO A 79 -0.39 16.11 -14.39
N LEU A 80 -0.01 15.05 -13.70
CA LEU A 80 0.57 13.87 -14.32
C LEU A 80 -0.42 12.78 -13.94
N PHE A 81 -0.93 12.06 -14.92
CA PHE A 81 -1.88 11.05 -14.63
C PHE A 81 -1.20 9.70 -14.51
N ILE A 82 -1.58 8.99 -13.48
CA ILE A 82 -0.94 7.70 -13.06
C ILE A 82 -1.90 6.62 -13.51
N GLU A 83 -1.37 5.68 -14.29
CA GLU A 83 -2.16 4.64 -14.92
C GLU A 83 -1.52 3.29 -14.53
N VAL A 84 -2.36 2.28 -14.35
N VAL A 84 -2.32 2.26 -14.31
CA VAL A 84 -1.92 0.89 -14.09
CA VAL A 84 -1.81 0.92 -13.93
C VAL A 84 -1.43 0.29 -15.35
C VAL A 84 -1.48 0.19 -15.18
N HIS A 85 -0.21 -0.24 -15.32
CA HIS A 85 0.31 -1.03 -16.40
C HIS A 85 0.28 -2.53 -16.17
N ASN A 86 0.78 -2.95 -15.04
CA ASN A 86 0.69 -4.36 -14.67
C ASN A 86 0.61 -4.43 -13.18
N LYS A 87 -0.52 -4.88 -12.64
CA LYS A 87 -0.59 -5.00 -11.15
C LYS A 87 -0.47 -6.44 -10.66
N GLY A 88 0.03 -7.38 -11.50
CA GLY A 88 0.27 -8.76 -11.01
C GLY A 88 -1.00 -9.28 -10.39
N SER A 89 -0.86 -9.91 -9.23
CA SER A 89 -1.98 -10.50 -8.50
C SER A 89 -2.72 -9.55 -7.49
N TRP A 90 -2.39 -8.28 -7.47
CA TRP A 90 -3.08 -7.30 -6.64
C TRP A 90 -4.50 -7.13 -7.16
N SER A 91 -5.40 -7.01 -6.22
CA SER A 91 -6.80 -6.71 -6.49
C SER A 91 -7.07 -5.25 -6.50
N GLU A 92 -7.52 -4.72 -7.66
CA GLU A 92 -7.72 -3.31 -7.80
C GLU A 92 -9.15 -3.03 -7.47
N GLU A 93 -9.38 -2.23 -6.40
CA GLU A 93 -10.72 -2.08 -5.77
C GLU A 93 -11.10 -0.64 -5.51
N ASN A 94 -12.38 -0.47 -5.27
CA ASN A 94 -13.01 0.83 -5.04
C ASN A 94 -12.67 1.78 -6.15
N THR A 95 -12.89 1.30 -7.37
CA THR A 95 -12.29 1.94 -8.59
C THR A 95 -12.98 3.29 -8.91
N GLY A 96 -14.07 3.59 -8.23
CA GLY A 96 -14.78 4.76 -8.50
C GLY A 96 -14.22 5.92 -7.72
N ASP A 97 -13.27 5.71 -6.83
CA ASP A 97 -12.69 6.81 -6.07
C ASP A 97 -12.04 7.80 -7.00
N ASN A 98 -12.31 9.05 -6.68
CA ASN A 98 -11.79 10.19 -7.35
C ASN A 98 -10.23 10.21 -7.43
N ASP A 99 -9.58 9.90 -6.31
CA ASP A 99 -8.20 10.37 -6.06
C ASP A 99 -7.14 9.31 -6.01
N SER A 100 -7.54 8.09 -5.63
N SER A 100 -7.47 8.12 -5.56
CA SER A 100 -6.60 7.06 -5.15
CA SER A 100 -6.40 7.17 -5.33
C SER A 100 -6.91 5.70 -5.67
C SER A 100 -6.85 5.77 -5.61
N TYR A 101 -5.89 5.01 -6.10
CA TYR A 101 -6.00 3.55 -6.35
C TYR A 101 -5.86 2.76 -5.02
N PHE A 102 -6.64 1.69 -4.91
CA PHE A 102 -6.65 0.83 -3.80
C PHE A 102 -6.32 -0.60 -4.28
N PHE A 103 -5.14 -1.10 -3.91
CA PHE A 103 -4.71 -2.44 -4.29
C PHE A 103 -4.69 -3.27 -3.05
N LEU A 104 -5.32 -4.46 -3.13
CA LEU A 104 -5.33 -5.36 -1.98
C LEU A 104 -4.88 -6.75 -2.36
N LYS A 105 -4.25 -7.43 -1.37
CA LYS A 105 -3.80 -8.87 -1.53
C LYS A 105 -4.12 -9.59 -0.28
N GLY A 106 -5.28 -10.26 -0.26
CA GLY A 106 -5.70 -11.06 0.85
C GLY A 106 -5.11 -12.42 0.76
N TYR A 107 -4.08 -12.66 1.53
CA TYR A 107 -3.27 -13.87 1.38
C TYR A 107 -3.34 -14.91 2.47
N LYS A 108 -4.12 -14.65 3.49
CA LYS A 108 -4.22 -15.53 4.69
C LYS A 108 -5.49 -15.31 5.38
N TRP A 109 -6.23 -16.38 5.52
CA TRP A 109 -7.50 -16.30 6.11
C TRP A 109 -7.85 -17.58 6.83
N ASP A 110 -8.69 -17.47 7.86
CA ASP A 110 -9.17 -18.67 8.59
C ASP A 110 -8.07 -19.49 9.20
N GLN A 111 -6.94 -18.87 9.49
CA GLN A 111 -5.79 -19.68 9.79
C GLN A 111 -5.67 -19.75 11.32
N ARG A 112 -5.89 -20.92 11.90
N ARG A 112 -5.93 -20.90 11.93
CA ARG A 112 -5.81 -21.05 13.35
CA ARG A 112 -5.89 -21.04 13.40
C ARG A 112 -4.39 -20.95 13.82
C ARG A 112 -4.44 -21.06 13.89
N ALA A 113 -4.14 -20.31 14.96
CA ALA A 113 -2.77 -20.24 15.59
C ALA A 113 -2.88 -20.20 17.07
N PHE A 114 -1.87 -20.77 17.70
CA PHE A 114 -1.57 -20.66 19.10
C PHE A 114 -0.34 -19.79 19.40
N ASP A 115 0.39 -19.34 18.37
CA ASP A 115 1.64 -18.62 18.56
C ASP A 115 1.48 -17.44 19.50
N THR A 116 2.41 -17.32 20.44
CA THR A 116 2.36 -16.21 21.38
C THR A 116 2.52 -14.99 20.51
N ALA A 117 1.73 -13.96 20.77
CA ALA A 117 1.81 -12.77 19.95
C ALA A 117 1.17 -11.55 20.58
N ASN A 118 1.54 -10.38 20.08
CA ASN A 118 0.96 -9.15 20.54
C ASN A 118 -0.18 -8.87 19.55
N LEU A 119 -1.41 -8.98 20.01
CA LEU A 119 -2.57 -8.96 19.10
C LEU A 119 -3.22 -7.61 18.89
N CYS A 120 -2.72 -6.55 19.53
CA CYS A 120 -3.22 -5.25 19.29
C CYS A 120 -2.17 -4.20 19.53
N GLN A 121 -1.12 -4.23 18.75
CA GLN A 121 0.00 -3.29 18.98
C GLN A 121 -0.54 -1.88 18.72
N LYS A 122 0.04 -0.92 19.48
CA LYS A 122 -0.50 0.46 19.49
C LYS A 122 0.14 1.32 18.41
N PRO A 123 -0.53 2.44 18.05
CA PRO A 123 0.13 3.21 16.97
C PRO A 123 1.53 3.63 17.40
N GLY A 124 2.47 3.71 16.44
CA GLY A 124 3.85 4.00 16.66
C GLY A 124 4.70 2.83 17.07
N GLU A 125 4.11 1.71 17.41
CA GLU A 125 4.83 0.49 17.59
C GLU A 125 5.28 -0.07 16.27
N THR A 126 6.40 -0.80 16.29
CA THR A 126 7.02 -1.28 15.04
C THR A 126 7.11 -2.78 15.07
N THR A 127 7.22 -3.41 13.87
CA THR A 127 7.49 -4.88 13.80
C THR A 127 8.17 -5.05 12.44
N ARG A 128 8.79 -6.21 12.24
CA ARG A 128 9.39 -6.59 10.97
C ARG A 128 8.40 -7.43 10.21
N LEU A 129 8.24 -7.08 8.93
CA LEU A 129 7.33 -7.71 8.01
C LEU A 129 8.21 -8.45 6.98
N THR A 130 8.06 -9.74 6.86
CA THR A 130 8.97 -10.50 6.05
C THR A 130 8.34 -10.71 4.70
N GLU A 131 7.03 -10.55 4.57
CA GLU A 131 6.33 -10.95 3.35
C GLU A 131 6.70 -10.13 2.10
N LYS A 132 6.53 -10.74 0.98
CA LYS A 132 6.86 -10.16 -0.28
C LYS A 132 5.71 -10.32 -1.17
N PHE A 133 5.36 -9.28 -1.94
CA PHE A 133 4.29 -9.28 -2.85
C PHE A 133 4.78 -8.78 -4.24
N ASP A 134 3.89 -8.94 -5.24
CA ASP A 134 4.16 -8.53 -6.58
C ASP A 134 4.52 -7.08 -6.73
N ASP A 135 5.43 -6.78 -7.66
CA ASP A 135 5.64 -5.42 -8.09
C ASP A 135 4.32 -4.86 -8.66
N ILE A 136 4.12 -3.55 -8.61
CA ILE A 136 3.15 -2.91 -9.45
C ILE A 136 3.85 -1.96 -10.42
N ILE A 137 3.47 -2.04 -11.71
CA ILE A 137 4.10 -1.22 -12.69
C ILE A 137 3.00 -0.18 -13.05
N PHE A 138 3.42 1.08 -13.01
CA PHE A 138 2.54 2.23 -13.37
C PHE A 138 3.15 2.83 -14.62
N LYS A 139 2.31 3.44 -15.44
CA LYS A 139 2.70 4.29 -16.61
C LYS A 139 2.14 5.67 -16.33
N VAL A 140 2.78 6.70 -16.91
CA VAL A 140 2.39 8.13 -16.64
C VAL A 140 2.06 8.77 -17.96
N ALA A 141 0.87 9.40 -18.06
CA ALA A 141 0.42 10.17 -19.22
C ALA A 141 0.81 11.65 -19.02
N LEU A 142 1.71 12.12 -19.88
CA LEU A 142 2.30 13.44 -19.83
C LEU A 142 1.43 14.38 -20.63
N PRO A 143 1.39 15.66 -20.20
CA PRO A 143 0.39 16.54 -20.91
C PRO A 143 1.06 17.14 -22.08
N ALA A 144 0.26 17.39 -23.12
CA ALA A 144 0.76 18.04 -24.30
C ALA A 144 1.19 19.41 -23.81
N ASP A 145 0.29 20.13 -23.13
CA ASP A 145 0.63 21.47 -22.66
C ASP A 145 1.76 21.51 -21.63
N LEU A 146 2.13 20.36 -21.08
CA LEU A 146 3.24 20.29 -20.13
C LEU A 146 4.59 20.59 -20.80
N PRO A 147 5.48 21.35 -20.06
CA PRO A 147 6.82 21.63 -20.66
C PRO A 147 7.90 20.53 -20.60
N LEU A 148 8.99 20.74 -21.35
CA LEU A 148 10.17 19.84 -21.51
C LEU A 148 11.41 19.83 -20.55
N GLY A 149 12.27 18.82 -20.73
CA GLY A 149 13.53 18.63 -20.00
C GLY A 149 13.51 17.55 -18.93
N ASP A 150 14.56 17.49 -18.10
CA ASP A 150 14.64 16.51 -17.02
C ASP A 150 13.59 16.79 -15.95
N TYR A 151 12.96 15.74 -15.42
CA TYR A 151 11.93 15.88 -14.40
C TYR A 151 12.14 14.95 -13.20
N SER A 152 11.87 15.42 -11.99
CA SER A 152 12.06 14.53 -10.81
C SER A 152 10.83 14.67 -9.93
N VAL A 153 10.06 13.58 -9.76
CA VAL A 153 8.75 13.73 -9.17
C VAL A 153 8.62 12.85 -7.90
N THR A 154 8.47 13.40 -6.71
CA THR A 154 8.30 12.58 -5.49
C THR A 154 6.88 12.16 -5.32
N ILE A 155 6.66 10.86 -5.25
CA ILE A 155 5.30 10.41 -5.11
C ILE A 155 5.17 9.61 -3.79
N PRO A 156 4.51 10.18 -2.77
CA PRO A 156 4.14 9.50 -1.54
C PRO A 156 3.03 8.51 -1.73
N TYR A 157 3.12 7.41 -1.01
CA TYR A 157 2.01 6.50 -1.03
C TYR A 157 2.04 5.58 0.17
N THR A 158 0.94 4.90 0.41
CA THR A 158 0.79 3.98 1.55
C THR A 158 0.98 2.56 1.08
N SER A 159 1.77 1.79 1.86
CA SER A 159 1.75 0.34 1.79
C SER A 159 1.85 -0.28 3.19
N GLY A 160 1.35 -1.49 3.29
CA GLY A 160 1.46 -2.17 4.57
C GLY A 160 0.55 -3.38 4.65
N ILE A 161 0.49 -3.96 5.88
CA ILE A 161 -0.27 -5.18 6.04
C ILE A 161 -1.29 -4.92 7.12
N GLN A 162 -2.51 -5.24 6.85
CA GLN A 162 -3.56 -5.38 7.81
C GLN A 162 -3.51 -6.75 8.41
N ARG A 163 -3.38 -6.84 9.71
CA ARG A 163 -3.42 -8.15 10.42
C ARG A 163 -4.64 -8.13 11.31
N HIS A 164 -5.53 -9.06 10.99
CA HIS A 164 -6.78 -9.21 11.70
C HIS A 164 -6.69 -10.52 12.48
N PHE A 165 -6.78 -10.42 13.81
CA PHE A 165 -6.83 -11.59 14.71
C PHE A 165 -8.20 -11.61 15.29
N ALA A 166 -8.82 -12.80 15.33
CA ALA A 166 -10.13 -13.03 15.76
C ALA A 166 -10.23 -14.26 16.62
N SER A 167 -11.25 -14.23 17.43
CA SER A 167 -11.62 -15.36 18.29
C SER A 167 -12.24 -16.56 17.57
N TYR A 168 -12.69 -16.41 16.30
CA TYR A 168 -13.48 -17.46 15.63
C TYR A 168 -13.08 -17.71 14.21
N LEU A 169 -13.32 -18.94 13.77
CA LEU A 169 -13.20 -19.21 12.29
C LEU A 169 -14.27 -18.53 11.45
N GLY A 170 -13.92 -18.08 10.27
CA GLY A 170 -14.79 -17.43 9.35
C GLY A 170 -14.76 -15.92 9.50
N ALA A 171 -13.95 -15.42 10.41
CA ALA A 171 -13.73 -13.99 10.65
C ALA A 171 -13.23 -13.29 9.44
N ARG A 172 -13.92 -12.18 9.11
CA ARG A 172 -13.61 -11.38 7.98
C ARG A 172 -13.72 -9.91 8.38
N PHE A 173 -12.69 -9.13 8.04
CA PHE A 173 -12.75 -7.67 8.19
C PHE A 173 -11.80 -7.02 7.17
N LYS A 174 -12.28 -5.99 6.44
CA LYS A 174 -11.41 -5.22 5.56
C LYS A 174 -11.41 -3.78 6.04
N ILE A 175 -10.23 -3.22 6.19
CA ILE A 175 -10.15 -1.78 6.58
C ILE A 175 -11.00 -1.01 5.55
N PRO A 176 -12.00 -0.18 6.03
CA PRO A 176 -12.79 0.62 5.06
C PRO A 176 -11.89 1.45 4.16
N TYR A 177 -12.26 1.58 2.91
CA TYR A 177 -11.47 2.33 1.98
C TYR A 177 -11.30 3.78 2.39
N ASN A 178 -12.28 4.35 3.03
CA ASN A 178 -12.15 5.78 3.51
C ASN A 178 -11.07 5.93 4.58
N VAL A 179 -10.85 4.85 5.36
CA VAL A 179 -9.82 4.82 6.40
C VAL A 179 -8.53 4.62 5.68
N ALA A 180 -8.44 3.64 4.75
CA ALA A 180 -7.18 3.40 4.04
C ALA A 180 -6.72 4.63 3.27
N LYS A 181 -7.69 5.42 2.75
CA LYS A 181 -7.39 6.62 1.97
C LYS A 181 -6.60 7.66 2.74
N THR A 182 -6.85 7.74 4.08
CA THR A 182 -6.31 8.77 4.96
C THR A 182 -5.15 8.25 5.85
N LEU A 183 -4.74 7.00 5.64
CA LEU A 183 -3.55 6.51 6.40
C LEU A 183 -2.31 7.25 6.01
N PRO A 184 -1.37 7.34 6.88
CA PRO A 184 -0.10 7.92 6.51
C PRO A 184 0.55 7.31 5.33
N ARG A 185 1.07 8.14 4.44
CA ARG A 185 1.67 7.70 3.15
C ARG A 185 3.16 7.77 3.43
N GLU A 186 3.78 6.63 3.83
CA GLU A 186 5.15 6.60 4.36
C GLU A 186 6.15 6.15 3.34
N ASN A 187 5.67 5.57 2.26
CA ASN A 187 6.53 5.32 1.11
C ASN A 187 6.71 6.52 0.20
N GLU A 188 7.81 6.52 -0.53
CA GLU A 188 8.15 7.48 -1.59
C GLU A 188 8.71 6.83 -2.85
N MET A 189 8.09 7.16 -3.98
CA MET A 189 8.72 6.86 -5.28
C MET A 189 9.20 8.16 -5.90
N LEU A 190 10.51 8.25 -6.08
CA LEU A 190 11.12 9.34 -6.86
C LEU A 190 11.19 8.92 -8.35
N PHE A 191 10.33 9.49 -9.15
CA PHE A 191 10.24 9.05 -10.54
C PHE A 191 11.01 10.05 -11.39
N LEU A 192 12.00 9.57 -12.15
CA LEU A 192 12.79 10.39 -13.07
C LEU A 192 12.59 10.03 -14.52
N PHE A 193 12.54 11.08 -15.32
CA PHE A 193 12.54 10.94 -16.77
C PHE A 193 13.01 12.23 -17.40
N LYS A 194 13.55 12.06 -18.61
CA LYS A 194 13.89 13.20 -19.48
C LYS A 194 12.84 13.40 -20.56
N ASN A 195 12.18 14.56 -20.53
CA ASN A 195 11.18 14.89 -21.59
C ASN A 195 11.81 15.55 -22.87
N ILE A 196 11.09 15.41 -24.02
CA ILE A 196 11.38 16.00 -25.37
C ILE A 196 10.09 16.34 -26.25
N GLY A 197 10.25 17.15 -27.29
CA GLY A 197 9.16 17.41 -28.27
C GLY A 197 8.60 16.22 -29.04
#